data_2AXR
#
_entry.id   2AXR
#
_cell.length_a   53.686
_cell.length_b   91.123
_cell.length_c   112.288
_cell.angle_alpha   90.00
_cell.angle_beta   90.00
_cell.angle_gamma   90.00
#
_symmetry.space_group_name_H-M   'P 21 21 21'
#
loop_
_entity.id
_entity.type
_entity.pdbx_description
1 polymer 'glucooligosaccharide oxidase'
2 non-polymer 2-acetamido-2-deoxy-beta-D-glucopyranose
3 non-polymer 'ZINC ION'
4 non-polymer 'FLAVIN-ADENINE DINUCLEOTIDE'
5 non-polymer '(2R,3R,4R,5R)-4,5-dihydroxy-2-(hydroxymethyl)-6-oxopiperidin-3-yl beta-D-glucopyranoside'
6 water water
#
_entity_poly.entity_id   1
_entity_poly.type   'polypeptide(L)'
_entity_poly.pdbx_seq_one_letter_code
;EAEAEFNSINACLAAADVEFHEEDSEGWDMDGTAFNLRVDYDPAAIAIPRSTEDIAAAVQCGLDAGVQISAKGGGHSYGS
YGFGGEDGHLMLELDRMYRVSVDDNNVATIQGGARLGYTALELLDQGNRALSHGTCPAVGVGGHVLGGGYGFATHTHGLT
LDWLIGATVVLADASIVHVSETENADLFWALRGGGGGFAIVSEFEFNTFEAPEIITTYQVTTTWNRKQHVAGLKALQDWA
QNTMPRELSMRLEINANALNWEGNFFGNAKDLKKILQPIMKKAGGKSTISKLVETDWYGQINTYLYGADLNITYNYDVHE
YFYANSLTAPRLSDEAIQAFVDYKFDNSSVRPGRGWWIQWDFHGGKNSALAAVSNDETAYAHRDQLWLWQFYDSIYDYEN
NTSPYPESGFEFMQGFVATIEDTLPEDRKGKYFNYADTTLTKEEAQKLYWRGNLEKLQAIKAKYDPEDVFGNVVSVEPIA
YLEQKLISEEDLNSAVDHHHHHH
;
_entity_poly.pdbx_strand_id   A
#
loop_
_chem_comp.id
_chem_comp.type
_chem_comp.name
_chem_comp.formula
ABL D-saccharide '(2R,3R,4R,5R)-4,5-dihydroxy-2-(hydroxymethyl)-6-oxopiperidin-3-yl beta-D-glucopyranoside' 'C12 H21 N O10'
FAD non-polymer 'FLAVIN-ADENINE DINUCLEOTIDE' 'C27 H33 N9 O15 P2'
NAG D-saccharide, beta linking 2-acetamido-2-deoxy-beta-D-glucopyranose 'C8 H15 N O6'
ZN non-polymer 'ZINC ION' 'Zn 2'
#
# COMPACT_ATOMS: atom_id res chain seq x y z
N GLU A 3 32.80 -14.46 -1.77
CA GLU A 3 33.36 -14.47 -3.15
C GLU A 3 32.23 -14.37 -4.18
N ALA A 4 32.56 -13.96 -5.39
CA ALA A 4 31.57 -13.79 -6.45
C ALA A 4 31.56 -14.87 -7.52
N GLU A 5 31.70 -16.12 -7.11
CA GLU A 5 31.69 -17.22 -8.06
C GLU A 5 30.39 -17.22 -8.87
N PHE A 6 30.54 -17.37 -10.19
CA PHE A 6 29.42 -17.44 -11.13
C PHE A 6 28.44 -16.27 -11.21
N ASN A 7 28.82 -15.11 -10.69
CA ASN A 7 27.94 -13.95 -10.76
C ASN A 7 28.79 -12.69 -10.94
N SER A 8 28.79 -12.14 -12.14
CA SER A 8 29.58 -10.96 -12.44
C SER A 8 29.11 -9.72 -11.71
N ILE A 9 27.84 -9.70 -11.31
CA ILE A 9 27.30 -8.56 -10.59
C ILE A 9 27.81 -8.59 -9.15
N ASN A 10 27.86 -9.79 -8.58
CA ASN A 10 28.35 -9.93 -7.21
C ASN A 10 29.81 -9.51 -7.16
N ALA A 11 30.54 -9.78 -8.25
CA ALA A 11 31.95 -9.42 -8.34
C ALA A 11 32.05 -7.90 -8.28
N CYS A 12 31.20 -7.23 -9.04
CA CYS A 12 31.18 -5.78 -9.07
C CYS A 12 30.84 -5.20 -7.69
N LEU A 13 29.82 -5.77 -7.06
CA LEU A 13 29.42 -5.29 -5.74
C LEU A 13 30.57 -5.47 -4.75
N ALA A 14 31.21 -6.64 -4.81
CA ALA A 14 32.34 -6.92 -3.94
C ALA A 14 33.41 -5.87 -4.13
N ALA A 15 33.68 -5.53 -5.39
CA ALA A 15 34.69 -4.53 -5.70
C ALA A 15 34.34 -3.18 -5.09
N ALA A 16 33.04 -2.88 -4.96
CA ALA A 16 32.61 -1.61 -4.38
C ALA A 16 32.33 -1.73 -2.89
N ASP A 17 32.73 -2.86 -2.30
CA ASP A 17 32.53 -3.09 -0.88
C ASP A 17 31.04 -3.07 -0.48
N VAL A 18 30.19 -3.57 -1.36
CA VAL A 18 28.77 -3.63 -1.10
C VAL A 18 28.39 -5.09 -0.82
N GLU A 19 27.78 -5.32 0.34
CA GLU A 19 27.38 -6.66 0.73
C GLU A 19 26.37 -7.22 -0.26
N PHE A 20 26.40 -8.54 -0.43
CA PHE A 20 25.48 -9.23 -1.33
C PHE A 20 25.19 -10.63 -0.84
N HIS A 21 24.22 -11.30 -1.47
CA HIS A 21 23.86 -12.66 -1.11
C HIS A 21 24.17 -13.58 -2.28
N GLU A 22 24.94 -14.63 -2.04
CA GLU A 22 25.24 -15.57 -3.12
C GLU A 22 23.97 -16.41 -3.25
N GLU A 23 23.68 -16.87 -4.45
CA GLU A 23 22.48 -17.65 -4.68
C GLU A 23 22.42 -18.97 -3.89
N ASP A 24 23.54 -19.35 -3.26
CA ASP A 24 23.58 -20.60 -2.50
C ASP A 24 23.45 -20.37 -0.99
N SER A 25 23.23 -19.12 -0.60
CA SER A 25 23.14 -18.77 0.82
C SER A 25 21.73 -18.76 1.39
N GLU A 26 21.65 -18.74 2.72
CA GLU A 26 20.37 -18.70 3.40
C GLU A 26 19.80 -17.29 3.27
N GLY A 27 20.69 -16.31 3.09
CA GLY A 27 20.26 -14.94 2.93
C GLY A 27 19.44 -14.83 1.66
N TRP A 28 19.89 -15.54 0.61
CA TRP A 28 19.19 -15.52 -0.65
C TRP A 28 17.81 -16.13 -0.45
N ASP A 29 17.72 -17.16 0.39
CA ASP A 29 16.44 -17.82 0.64
C ASP A 29 15.47 -16.83 1.26
N MET A 30 15.95 -16.09 2.26
CA MET A 30 15.12 -15.12 2.95
C MET A 30 14.72 -13.92 2.08
N ASP A 31 15.72 -13.15 1.68
CA ASP A 31 15.50 -11.94 0.89
C ASP A 31 15.12 -12.21 -0.57
N GLY A 32 15.52 -13.36 -1.09
CA GLY A 32 15.22 -13.69 -2.48
C GLY A 32 13.88 -14.35 -2.76
N THR A 33 13.09 -14.61 -1.72
CA THR A 33 11.79 -15.23 -1.88
C THR A 33 10.75 -14.16 -1.55
N ALA A 34 9.80 -13.95 -2.46
CA ALA A 34 8.76 -12.94 -2.26
C ALA A 34 7.76 -13.31 -1.17
N PHE A 35 7.09 -12.29 -0.64
CA PHE A 35 6.08 -12.46 0.40
C PHE A 35 4.95 -13.32 -0.17
N ASN A 36 4.47 -12.96 -1.36
CA ASN A 36 3.39 -13.68 -2.03
C ASN A 36 4.02 -14.78 -2.91
N LEU A 37 4.04 -16.00 -2.38
CA LEU A 37 4.62 -17.14 -3.07
C LEU A 37 3.96 -17.46 -4.40
N ARG A 38 2.79 -16.91 -4.66
CA ARG A 38 2.13 -17.16 -5.95
C ARG A 38 2.90 -16.41 -7.02
N VAL A 39 3.60 -15.35 -6.60
CA VAL A 39 4.38 -14.55 -7.52
C VAL A 39 5.79 -14.33 -7.03
N ASP A 40 6.51 -15.44 -6.88
CA ASP A 40 7.90 -15.41 -6.41
C ASP A 40 8.78 -15.30 -7.66
N TYR A 41 9.84 -14.50 -7.57
CA TYR A 41 10.73 -14.33 -8.71
C TYR A 41 12.17 -14.53 -8.31
N ASP A 42 12.99 -14.82 -9.31
CA ASP A 42 14.40 -15.06 -9.11
C ASP A 42 15.23 -13.87 -9.62
N PRO A 43 15.79 -13.06 -8.70
CA PRO A 43 16.58 -11.90 -9.09
C PRO A 43 17.94 -12.27 -9.69
N ALA A 44 18.53 -11.35 -10.45
CA ALA A 44 19.84 -11.58 -11.06
C ALA A 44 20.91 -11.51 -9.96
N ALA A 45 20.61 -10.78 -8.90
CA ALA A 45 21.52 -10.64 -7.78
C ALA A 45 20.82 -9.84 -6.69
N ILE A 46 21.36 -9.90 -5.48
CA ILE A 46 20.76 -9.16 -4.38
C ILE A 46 21.85 -8.43 -3.61
N ALA A 47 21.82 -7.10 -3.72
CA ALA A 47 22.77 -6.26 -3.01
C ALA A 47 22.09 -5.83 -1.73
N ILE A 48 22.90 -5.61 -0.68
CA ILE A 48 22.39 -5.22 0.62
C ILE A 48 23.08 -3.94 1.10
N PRO A 49 22.72 -2.80 0.51
CA PRO A 49 23.32 -1.50 0.87
C PRO A 49 23.11 -1.08 2.33
N ARG A 50 24.07 -0.30 2.84
CA ARG A 50 24.01 0.21 4.21
C ARG A 50 24.08 1.73 4.21
N SER A 51 24.21 2.32 3.03
CA SER A 51 24.29 3.77 2.92
C SER A 51 23.84 4.25 1.55
N THR A 52 23.68 5.57 1.42
CA THR A 52 23.28 6.18 0.17
C THR A 52 24.33 5.87 -0.88
N GLU A 53 25.58 5.89 -0.47
CA GLU A 53 26.70 5.60 -1.36
C GLU A 53 26.66 4.14 -1.85
N ASP A 54 26.31 3.22 -0.96
CA ASP A 54 26.22 1.80 -1.33
C ASP A 54 25.14 1.62 -2.40
N ILE A 55 24.04 2.35 -2.27
CA ILE A 55 22.95 2.26 -3.22
C ILE A 55 23.43 2.71 -4.60
N ALA A 56 24.09 3.87 -4.63
CA ALA A 56 24.61 4.40 -5.89
C ALA A 56 25.59 3.42 -6.50
N ALA A 57 26.46 2.85 -5.66
CA ALA A 57 27.44 1.88 -6.12
C ALA A 57 26.74 0.65 -6.67
N ALA A 58 25.68 0.23 -5.98
CA ALA A 58 24.92 -0.94 -6.41
C ALA A 58 24.28 -0.64 -7.76
N VAL A 59 23.76 0.58 -7.90
CA VAL A 59 23.13 0.95 -9.16
C VAL A 59 24.13 0.91 -10.31
N GLN A 60 25.33 1.46 -10.08
CA GLN A 60 26.34 1.47 -11.12
C GLN A 60 26.61 0.04 -11.59
N CYS A 61 26.71 -0.88 -10.64
CA CYS A 61 26.94 -2.27 -10.97
C CYS A 61 25.80 -2.84 -11.81
N GLY A 62 24.57 -2.41 -11.49
CA GLY A 62 23.43 -2.89 -12.25
C GLY A 62 23.55 -2.38 -13.68
N LEU A 63 23.92 -1.12 -13.81
CA LEU A 63 24.11 -0.49 -15.11
C LEU A 63 25.19 -1.23 -15.88
N ASP A 64 26.28 -1.56 -15.21
CA ASP A 64 27.37 -2.27 -15.86
C ASP A 64 26.90 -3.61 -16.43
N ALA A 65 26.02 -4.28 -15.69
CA ALA A 65 25.49 -5.59 -16.10
C ALA A 65 24.42 -5.48 -17.17
N GLY A 66 23.82 -4.30 -17.31
CA GLY A 66 22.77 -4.13 -18.29
C GLY A 66 21.46 -4.74 -17.86
N VAL A 67 21.21 -4.79 -16.56
CA VAL A 67 19.95 -5.33 -16.04
C VAL A 67 19.17 -4.21 -15.36
N GLN A 68 17.87 -4.41 -15.19
CA GLN A 68 17.06 -3.43 -14.50
C GLN A 68 17.33 -3.60 -13.00
N ILE A 69 17.12 -2.54 -12.23
CA ILE A 69 17.37 -2.58 -10.80
C ILE A 69 16.10 -2.33 -9.97
N SER A 70 15.85 -3.20 -9.01
CA SER A 70 14.66 -3.11 -8.18
C SER A 70 14.97 -2.91 -6.69
N ALA A 71 14.49 -1.80 -6.16
CA ALA A 71 14.68 -1.51 -4.75
C ALA A 71 13.57 -2.29 -4.04
N LYS A 72 13.90 -2.88 -2.91
CA LYS A 72 12.92 -3.63 -2.14
C LYS A 72 12.92 -3.04 -0.74
N GLY A 73 11.75 -2.54 -0.31
CA GLY A 73 11.65 -1.97 1.02
C GLY A 73 11.27 -3.04 2.03
N GLY A 74 9.97 -3.23 2.22
CA GLY A 74 9.51 -4.25 3.16
C GLY A 74 9.10 -5.50 2.41
N GLY A 75 9.12 -5.42 1.09
CA GLY A 75 8.75 -6.56 0.25
C GLY A 75 7.30 -6.98 0.37
N HIS A 76 6.40 -6.07 0.72
CA HIS A 76 5.00 -6.43 0.85
C HIS A 76 4.12 -6.17 -0.36
N SER A 77 4.74 -5.75 -1.45
CA SER A 77 4.02 -5.50 -2.70
C SER A 77 3.32 -6.81 -3.12
N TYR A 78 2.05 -6.70 -3.52
CA TYR A 78 1.30 -7.90 -3.91
C TYR A 78 1.77 -8.51 -5.23
N GLY A 79 2.56 -7.76 -5.98
CA GLY A 79 3.06 -8.24 -7.25
C GLY A 79 4.56 -8.49 -7.18
N SER A 80 5.12 -8.35 -5.98
CA SER A 80 6.55 -8.58 -5.76
C SER A 80 7.38 -7.61 -6.58
N TYR A 81 7.01 -6.34 -6.56
CA TYR A 81 7.72 -5.35 -7.34
C TYR A 81 9.09 -4.98 -6.79
N GLY A 82 9.36 -5.41 -5.56
CA GLY A 82 10.65 -5.15 -4.97
C GLY A 82 11.65 -5.99 -5.76
N PHE A 83 11.13 -6.96 -6.50
CA PHE A 83 11.90 -7.88 -7.34
C PHE A 83 11.83 -7.38 -8.78
N GLY A 84 10.95 -6.42 -9.02
CA GLY A 84 10.78 -5.90 -10.37
C GLY A 84 9.55 -6.55 -10.99
N GLY A 85 8.90 -7.42 -10.23
CA GLY A 85 7.72 -8.09 -10.74
C GLY A 85 8.02 -9.14 -11.80
N GLU A 86 9.29 -9.52 -11.91
CA GLU A 86 9.71 -10.53 -12.88
C GLU A 86 11.10 -11.04 -12.50
N ASP A 87 11.61 -12.01 -13.25
CA ASP A 87 12.94 -12.55 -12.96
C ASP A 87 14.00 -11.68 -13.62
N GLY A 88 15.25 -11.81 -13.17
CA GLY A 88 16.34 -11.09 -13.80
C GLY A 88 16.75 -9.67 -13.43
N HIS A 89 16.20 -9.12 -12.34
CA HIS A 89 16.59 -7.78 -11.95
C HIS A 89 17.59 -7.82 -10.81
N LEU A 90 18.38 -6.75 -10.68
CA LEU A 90 19.30 -6.65 -9.58
C LEU A 90 18.42 -6.11 -8.46
N MET A 91 18.39 -6.83 -7.34
CA MET A 91 17.58 -6.40 -6.21
C MET A 91 18.43 -5.72 -5.17
N LEU A 92 17.91 -4.62 -4.64
CA LEU A 92 18.59 -3.88 -3.59
C LEU A 92 17.76 -4.04 -2.32
N GLU A 93 18.14 -4.99 -1.48
CA GLU A 93 17.43 -5.23 -0.22
C GLU A 93 17.81 -4.10 0.73
N LEU A 94 16.85 -3.23 1.02
CA LEU A 94 17.10 -2.07 1.88
C LEU A 94 16.74 -2.17 3.35
N ASP A 95 16.14 -3.28 3.79
CA ASP A 95 15.71 -3.36 5.18
C ASP A 95 16.80 -3.31 6.26
N ARG A 96 18.06 -3.20 5.85
CA ARG A 96 19.14 -3.06 6.83
C ARG A 96 19.32 -1.56 7.08
N MET A 97 18.68 -0.74 6.25
CA MET A 97 18.73 0.72 6.38
C MET A 97 17.37 1.18 6.92
N TYR A 98 17.23 1.18 8.24
CA TYR A 98 15.97 1.56 8.86
C TYR A 98 16.05 2.59 9.97
N ARG A 99 17.09 3.42 9.95
CA ARG A 99 17.24 4.47 10.96
C ARG A 99 16.07 5.45 10.93
N VAL A 100 15.62 5.86 12.11
CA VAL A 100 14.53 6.83 12.25
C VAL A 100 14.95 7.88 13.28
N SER A 101 15.01 9.13 12.86
CA SER A 101 15.41 10.19 13.75
C SER A 101 14.48 11.40 13.65
N VAL A 102 13.92 11.79 14.80
CA VAL A 102 13.02 12.94 14.86
C VAL A 102 13.77 14.15 15.42
N ASP A 103 13.76 15.26 14.70
CA ASP A 103 14.46 16.45 15.17
C ASP A 103 13.59 17.31 16.09
N ASP A 104 14.14 18.43 16.56
CA ASP A 104 13.43 19.34 17.45
C ASP A 104 12.23 19.99 16.77
N ASN A 105 12.15 19.90 15.45
CA ASN A 105 11.03 20.48 14.72
C ASN A 105 9.98 19.41 14.47
N ASN A 106 10.17 18.26 15.11
CA ASN A 106 9.25 17.14 14.96
C ASN A 106 9.29 16.54 13.57
N VAL A 107 10.36 16.82 12.85
CA VAL A 107 10.53 16.29 11.50
C VAL A 107 11.26 14.97 11.64
N ALA A 108 10.73 13.94 11.00
CA ALA A 108 11.33 12.62 11.08
C ALA A 108 12.06 12.20 9.81
N THR A 109 13.31 11.78 9.99
CA THR A 109 14.14 11.30 8.92
C THR A 109 14.05 9.79 9.04
N ILE A 110 13.62 9.14 7.97
CA ILE A 110 13.44 7.69 7.97
C ILE A 110 14.13 7.06 6.77
N GLN A 111 15.04 6.12 7.02
CA GLN A 111 15.74 5.46 5.93
C GLN A 111 14.80 4.63 5.06
N GLY A 112 15.15 4.54 3.78
CA GLY A 112 14.34 3.82 2.80
C GLY A 112 13.91 2.40 3.05
N GLY A 113 14.59 1.70 3.95
CA GLY A 113 14.22 0.33 4.24
C GLY A 113 13.47 0.12 5.54
N ALA A 114 13.05 1.19 6.19
CA ALA A 114 12.32 1.08 7.45
C ALA A 114 10.89 0.59 7.24
N ARG A 115 10.36 -0.15 8.21
CA ARG A 115 8.99 -0.66 8.14
C ARG A 115 8.08 0.13 9.09
N LEU A 116 6.77 0.07 8.87
CA LEU A 116 5.80 0.82 9.68
C LEU A 116 5.84 0.55 11.19
N GLY A 117 5.92 -0.72 11.59
CA GLY A 117 5.94 -1.04 13.00
C GLY A 117 7.09 -0.39 13.73
N TYR A 118 8.30 -0.66 13.24
CA TYR A 118 9.51 -0.10 13.83
C TYR A 118 9.46 1.43 13.82
N THR A 119 8.98 1.99 12.71
CA THR A 119 8.89 3.43 12.58
C THR A 119 7.96 4.04 13.62
N ALA A 120 6.77 3.45 13.75
CA ALA A 120 5.77 3.94 14.70
C ALA A 120 6.30 3.91 16.13
N LEU A 121 7.11 2.90 16.43
CA LEU A 121 7.70 2.77 17.76
C LEU A 121 8.70 3.89 17.99
N GLU A 122 9.55 4.13 17.01
CA GLU A 122 10.55 5.18 17.12
C GLU A 122 9.90 6.55 17.24
N LEU A 123 8.87 6.80 16.43
CA LEU A 123 8.17 8.07 16.48
C LEU A 123 7.55 8.31 17.86
N LEU A 124 6.98 7.26 18.45
CA LEU A 124 6.38 7.39 19.78
C LEU A 124 7.47 7.64 20.83
N ASP A 125 8.55 6.87 20.74
CA ASP A 125 9.65 7.00 21.70
C ASP A 125 10.38 8.33 21.59
N GLN A 126 10.44 8.88 20.39
CA GLN A 126 11.13 10.15 20.16
C GLN A 126 10.21 11.39 20.11
N GLY A 127 9.63 11.77 21.23
CA GLY A 127 8.77 12.93 21.25
C GLY A 127 7.28 12.62 21.12
N ASN A 128 6.91 11.36 21.33
CA ASN A 128 5.51 10.98 21.25
C ASN A 128 4.88 11.47 19.95
N ARG A 129 5.56 11.24 18.83
CA ARG A 129 5.06 11.67 17.53
C ARG A 129 4.36 10.51 16.82
N ALA A 130 3.70 10.82 15.71
CA ALA A 130 3.01 9.79 14.95
C ALA A 130 2.89 10.19 13.50
N LEU A 131 2.56 9.21 12.65
CA LEU A 131 2.42 9.44 11.24
C LEU A 131 1.19 8.68 10.75
N SER A 132 0.67 9.07 9.59
CA SER A 132 -0.50 8.42 9.01
C SER A 132 -0.04 7.29 8.12
N HIS A 133 -0.37 6.05 8.47
CA HIS A 133 0.04 4.90 7.66
C HIS A 133 -0.81 3.67 7.87
N GLY A 134 -0.49 2.62 7.12
CA GLY A 134 -1.21 1.36 7.19
C GLY A 134 -1.14 0.63 8.52
N THR A 135 -1.87 -0.48 8.58
CA THR A 135 -1.96 -1.31 9.76
C THR A 135 -0.85 -2.35 9.94
N CYS A 136 -0.30 -2.83 8.83
CA CYS A 136 0.75 -3.87 8.87
C CYS A 136 2.13 -3.41 9.29
N PRO A 137 2.62 -3.90 10.43
CA PRO A 137 3.96 -3.53 10.93
C PRO A 137 5.11 -3.91 9.98
N ALA A 138 4.89 -4.93 9.16
CA ALA A 138 5.93 -5.38 8.23
C ALA A 138 6.09 -4.53 6.96
N VAL A 139 5.05 -3.77 6.60
CA VAL A 139 5.13 -2.96 5.40
C VAL A 139 6.31 -1.98 5.40
N GLY A 140 6.99 -1.90 4.26
CA GLY A 140 8.11 -0.98 4.16
C GLY A 140 7.62 0.44 3.91
N VAL A 141 8.15 1.39 4.68
CA VAL A 141 7.77 2.78 4.54
C VAL A 141 7.94 3.23 3.09
N GLY A 142 8.98 2.72 2.45
CA GLY A 142 9.28 3.07 1.07
C GLY A 142 8.16 2.83 0.06
N GLY A 143 7.76 1.58 -0.14
CA GLY A 143 6.70 1.31 -1.10
C GLY A 143 5.38 1.93 -0.67
N HIS A 144 5.15 1.93 0.64
CA HIS A 144 3.94 2.48 1.21
C HIS A 144 3.72 3.94 0.80
N VAL A 145 4.70 4.80 1.07
CA VAL A 145 4.55 6.21 0.73
C VAL A 145 4.57 6.50 -0.78
N LEU A 146 5.33 5.72 -1.55
CA LEU A 146 5.38 5.94 -3.00
C LEU A 146 4.03 5.66 -3.68
N GLY A 147 3.20 4.83 -3.06
CA GLY A 147 1.90 4.52 -3.63
C GLY A 147 0.76 5.28 -2.95
N GLY A 148 1.05 5.83 -1.78
CA GLY A 148 0.05 6.57 -1.03
C GLY A 148 0.25 6.32 0.45
N GLY A 149 -0.31 5.23 0.94
CA GLY A 149 -0.20 4.87 2.35
C GLY A 149 -1.55 5.12 2.97
N TYR A 150 -2.42 4.11 2.93
CA TYR A 150 -3.77 4.25 3.45
C TYR A 150 -4.02 3.48 4.74
N GLY A 151 -4.77 4.10 5.66
CA GLY A 151 -5.06 3.43 6.91
C GLY A 151 -6.18 4.10 7.70
N PHE A 152 -6.27 3.75 8.99
CA PHE A 152 -7.28 4.29 9.86
C PHE A 152 -7.05 5.74 10.28
N ALA A 153 -6.06 6.39 9.67
CA ALA A 153 -5.79 7.79 10.00
C ALA A 153 -5.96 8.66 8.76
N THR A 154 -6.17 8.02 7.62
CA THR A 154 -6.31 8.73 6.35
C THR A 154 -7.51 9.68 6.26
N HIS A 155 -8.65 9.28 6.83
CA HIS A 155 -9.81 10.15 6.77
C HIS A 155 -9.58 11.42 7.59
N THR A 156 -8.70 11.32 8.59
CA THR A 156 -8.40 12.45 9.47
C THR A 156 -7.09 13.17 9.10
N HIS A 157 -6.08 12.39 8.69
CA HIS A 157 -4.78 12.95 8.37
C HIS A 157 -4.23 12.65 6.98
N GLY A 158 -5.09 12.19 6.07
CA GLY A 158 -4.63 11.91 4.71
C GLY A 158 -3.69 10.74 4.55
N LEU A 159 -3.07 10.66 3.37
CA LEU A 159 -2.15 9.59 3.03
C LEU A 159 -0.77 9.82 3.63
N THR A 160 0.01 8.75 3.73
CA THR A 160 1.36 8.85 4.27
C THR A 160 2.15 9.89 3.47
N LEU A 161 1.88 9.97 2.17
CA LEU A 161 2.59 10.89 1.31
C LEU A 161 2.21 12.36 1.50
N ASP A 162 1.10 12.62 2.18
CA ASP A 162 0.70 14.00 2.43
C ASP A 162 1.53 14.60 3.54
N TRP A 163 2.36 13.77 4.17
CA TRP A 163 3.23 14.23 5.26
C TRP A 163 4.70 14.25 4.84
N LEU A 164 4.96 13.85 3.59
CA LEU A 164 6.31 13.84 3.06
C LEU A 164 6.72 15.26 2.66
N ILE A 165 7.90 15.68 3.08
CA ILE A 165 8.39 17.02 2.75
C ILE A 165 9.74 16.99 2.06
N GLY A 166 10.33 15.81 1.93
CA GLY A 166 11.62 15.72 1.28
C GLY A 166 12.22 14.33 1.35
N ALA A 167 13.28 14.11 0.58
CA ALA A 167 13.97 12.83 0.57
C ALA A 167 15.34 12.93 -0.10
N THR A 168 16.18 11.93 0.12
CA THR A 168 17.50 11.86 -0.48
C THR A 168 17.42 10.64 -1.37
N VAL A 169 17.63 10.82 -2.67
CA VAL A 169 17.50 9.70 -3.58
C VAL A 169 18.66 9.48 -4.52
N VAL A 170 18.69 8.28 -5.10
CA VAL A 170 19.71 7.91 -6.06
C VAL A 170 18.99 7.69 -7.40
N LEU A 171 19.45 8.38 -8.44
CA LEU A 171 18.83 8.29 -9.75
C LEU A 171 19.34 7.12 -10.60
N ALA A 172 18.70 6.92 -11.75
CA ALA A 172 19.05 5.83 -12.65
C ALA A 172 20.49 5.90 -13.13
N ASP A 173 21.09 7.09 -13.09
CA ASP A 173 22.46 7.22 -13.53
C ASP A 173 23.42 7.22 -12.33
N ALA A 174 22.93 6.74 -11.20
CA ALA A 174 23.72 6.64 -9.96
C ALA A 174 24.03 7.96 -9.27
N SER A 175 23.50 9.07 -9.77
CA SER A 175 23.76 10.34 -9.09
C SER A 175 22.92 10.37 -7.81
N ILE A 176 23.27 11.29 -6.91
CA ILE A 176 22.56 11.42 -5.64
C ILE A 176 21.99 12.84 -5.55
N VAL A 177 20.68 12.94 -5.40
CA VAL A 177 20.05 14.25 -5.33
C VAL A 177 19.07 14.37 -4.18
N HIS A 178 18.72 15.61 -3.87
CA HIS A 178 17.76 15.91 -2.83
C HIS A 178 16.50 16.38 -3.53
N VAL A 179 15.34 16.02 -3.00
CA VAL A 179 14.06 16.41 -3.58
C VAL A 179 13.12 16.99 -2.52
N SER A 180 12.29 17.93 -2.95
CA SER A 180 11.33 18.58 -2.06
C SER A 180 10.38 19.40 -2.94
N GLU A 181 9.44 20.09 -2.32
CA GLU A 181 8.50 20.89 -3.10
C GLU A 181 9.20 22.04 -3.80
N THR A 182 10.43 22.34 -3.40
CA THR A 182 11.19 23.42 -4.03
C THR A 182 12.48 22.95 -4.70
N GLU A 183 12.79 21.66 -4.59
CA GLU A 183 14.01 21.14 -5.22
C GLU A 183 13.65 19.90 -6.03
N ASN A 184 13.84 19.96 -7.35
CA ASN A 184 13.50 18.85 -8.21
C ASN A 184 12.05 18.51 -7.88
N ALA A 185 11.25 19.56 -7.76
CA ALA A 185 9.85 19.45 -7.41
C ALA A 185 9.07 18.47 -8.29
N ASP A 186 9.46 18.33 -9.55
CA ASP A 186 8.74 17.40 -10.42
C ASP A 186 8.97 15.97 -9.97
N LEU A 187 10.21 15.64 -9.60
CA LEU A 187 10.51 14.29 -9.14
C LEU A 187 9.81 14.05 -7.80
N PHE A 188 9.76 15.09 -6.96
CA PHE A 188 9.13 14.98 -5.64
C PHE A 188 7.65 14.68 -5.77
N TRP A 189 7.01 15.34 -6.73
CA TRP A 189 5.60 15.15 -7.02
C TRP A 189 5.38 13.68 -7.41
N ALA A 190 6.24 13.19 -8.28
CA ALA A 190 6.16 11.81 -8.77
C ALA A 190 6.36 10.78 -7.66
N LEU A 191 7.28 11.05 -6.75
CA LEU A 191 7.55 10.10 -5.65
C LEU A 191 6.34 10.02 -4.73
N ARG A 192 5.50 11.05 -4.77
CA ARG A 192 4.32 11.07 -3.93
C ARG A 192 3.09 10.47 -4.62
N GLY A 193 3.11 9.16 -4.80
CA GLY A 193 2.00 8.46 -5.43
C GLY A 193 2.29 7.77 -6.74
N GLY A 194 3.43 8.10 -7.35
CA GLY A 194 3.79 7.52 -8.63
C GLY A 194 4.22 6.07 -8.66
N GLY A 195 4.30 5.42 -7.51
CA GLY A 195 4.71 4.02 -7.49
C GLY A 195 6.22 3.86 -7.57
N GLY A 196 6.69 2.72 -8.06
CA GLY A 196 8.12 2.52 -8.15
C GLY A 196 8.72 2.87 -9.50
N GLY A 197 10.05 2.88 -9.56
CA GLY A 197 10.75 3.15 -10.80
C GLY A 197 11.24 4.54 -11.13
N PHE A 198 11.03 5.51 -10.25
CA PHE A 198 11.47 6.88 -10.50
C PHE A 198 12.85 7.16 -9.93
N ALA A 199 13.15 6.52 -8.81
CA ALA A 199 14.43 6.68 -8.13
C ALA A 199 14.42 5.74 -6.94
N ILE A 200 15.59 5.58 -6.32
CA ILE A 200 15.68 4.74 -5.14
C ILE A 200 15.90 5.66 -3.94
N VAL A 201 14.95 5.67 -3.02
CA VAL A 201 15.03 6.53 -1.84
C VAL A 201 15.88 5.95 -0.73
N SER A 202 16.88 6.71 -0.32
CA SER A 202 17.81 6.30 0.72
C SER A 202 17.24 6.77 2.06
N GLU A 203 16.62 7.94 2.04
CA GLU A 203 16.05 8.53 3.25
C GLU A 203 14.84 9.40 2.94
N PHE A 204 13.83 9.32 3.79
CA PHE A 204 12.62 10.10 3.66
C PHE A 204 12.56 11.14 4.79
N GLU A 205 11.95 12.29 4.50
CA GLU A 205 11.80 13.34 5.49
C GLU A 205 10.31 13.60 5.66
N PHE A 206 9.81 13.28 6.85
CA PHE A 206 8.39 13.43 7.16
C PHE A 206 8.08 14.44 8.24
N ASN A 207 6.93 15.10 8.08
CA ASN A 207 6.45 16.02 9.09
C ASN A 207 5.65 15.02 9.92
N THR A 208 5.37 15.34 11.17
CA THR A 208 4.61 14.41 12.00
C THR A 208 3.61 15.17 12.86
N PHE A 209 2.65 14.44 13.42
CA PHE A 209 1.66 15.06 14.29
C PHE A 209 1.79 14.36 15.64
N GLU A 210 1.47 15.09 16.71
CA GLU A 210 1.56 14.52 18.05
C GLU A 210 0.59 13.36 18.21
N ALA A 211 1.06 12.28 18.81
CA ALA A 211 0.21 11.11 19.03
C ALA A 211 -1.03 11.55 19.80
N PRO A 212 -2.22 11.26 19.26
CA PRO A 212 -3.45 11.67 19.96
C PRO A 212 -3.52 11.12 21.38
N GLU A 213 -4.00 11.95 22.31
CA GLU A 213 -4.11 11.53 23.70
C GLU A 213 -5.10 10.38 23.82
N ILE A 214 -6.08 10.34 22.92
CA ILE A 214 -7.08 9.29 22.95
C ILE A 214 -7.63 8.89 21.58
N ILE A 215 -7.73 7.58 21.37
CA ILE A 215 -8.27 7.02 20.15
C ILE A 215 -9.26 5.98 20.62
N THR A 216 -10.43 5.95 20.01
CA THR A 216 -11.44 4.95 20.37
C THR A 216 -11.62 4.03 19.17
N THR A 217 -11.24 2.76 19.32
CA THR A 217 -11.42 1.81 18.23
C THR A 217 -12.82 1.23 18.36
N TYR A 218 -13.41 0.82 17.25
CA TYR A 218 -14.77 0.28 17.31
C TYR A 218 -15.04 -0.76 16.24
N GLN A 219 -16.15 -1.46 16.39
CA GLN A 219 -16.58 -2.46 15.44
C GLN A 219 -18.09 -2.63 15.52
N VAL A 220 -18.74 -2.61 14.37
CA VAL A 220 -20.18 -2.81 14.34
C VAL A 220 -20.40 -4.08 13.55
N THR A 221 -21.12 -5.03 14.15
CA THR A 221 -21.40 -6.31 13.52
C THR A 221 -22.82 -6.31 13.00
N THR A 222 -22.99 -6.58 11.71
CA THR A 222 -24.31 -6.60 11.11
C THR A 222 -24.77 -8.03 10.92
N THR A 223 -26.07 -8.18 10.74
CA THR A 223 -26.70 -9.46 10.48
C THR A 223 -27.70 -9.07 9.40
N TRP A 224 -27.15 -8.76 8.22
CA TRP A 224 -27.96 -8.32 7.08
C TRP A 224 -28.14 -9.39 6.02
N ASN A 225 -29.35 -9.47 5.45
CA ASN A 225 -29.58 -10.42 4.37
C ASN A 225 -29.28 -9.64 3.08
N ARG A 226 -29.55 -10.25 1.93
CA ARG A 226 -29.27 -9.61 0.65
C ARG A 226 -29.85 -8.19 0.59
N LYS A 227 -31.17 -8.11 0.69
CA LYS A 227 -31.86 -6.83 0.64
C LYS A 227 -31.33 -5.84 1.68
N GLN A 228 -30.99 -6.34 2.86
CA GLN A 228 -30.48 -5.47 3.93
C GLN A 228 -29.07 -4.97 3.65
N HIS A 229 -28.29 -5.75 2.90
CA HIS A 229 -26.94 -5.35 2.53
C HIS A 229 -27.05 -4.12 1.65
N VAL A 230 -27.93 -4.20 0.64
CA VAL A 230 -28.13 -3.11 -0.29
C VAL A 230 -28.59 -1.82 0.37
N ALA A 231 -29.61 -1.90 1.20
CA ALA A 231 -30.13 -0.74 1.89
C ALA A 231 -29.09 -0.18 2.87
N GLY A 232 -28.34 -1.08 3.49
CA GLY A 232 -27.33 -0.64 4.44
C GLY A 232 -26.22 0.14 3.77
N LEU A 233 -25.72 -0.38 2.65
CA LEU A 233 -24.64 0.28 1.92
C LEU A 233 -25.08 1.63 1.35
N LYS A 234 -26.33 1.71 0.90
CA LYS A 234 -26.85 2.97 0.36
C LYS A 234 -26.83 4.01 1.46
N ALA A 235 -27.27 3.62 2.65
CA ALA A 235 -27.30 4.53 3.80
C ALA A 235 -25.87 4.93 4.15
N LEU A 236 -24.98 3.95 4.21
CA LEU A 236 -23.59 4.21 4.53
C LEU A 236 -22.97 5.18 3.54
N GLN A 237 -23.36 5.07 2.27
CA GLN A 237 -22.82 5.92 1.23
C GLN A 237 -23.24 7.38 1.39
N ASP A 238 -24.53 7.63 1.59
CA ASP A 238 -24.96 9.00 1.78
C ASP A 238 -24.26 9.56 3.00
N TRP A 239 -24.14 8.73 4.03
CA TRP A 239 -23.50 9.11 5.28
C TRP A 239 -22.03 9.47 5.09
N ALA A 240 -21.32 8.66 4.32
CA ALA A 240 -19.90 8.88 4.06
C ALA A 240 -19.66 10.20 3.34
N GLN A 241 -20.57 10.56 2.44
CA GLN A 241 -20.41 11.78 1.69
C GLN A 241 -20.88 13.04 2.41
N ASN A 242 -21.94 12.94 3.21
CA ASN A 242 -22.46 14.13 3.88
C ASN A 242 -22.36 14.22 5.40
N THR A 243 -22.14 13.10 6.08
CA THR A 243 -22.10 13.14 7.54
C THR A 243 -20.78 12.77 8.21
N MET A 244 -20.28 11.57 7.91
CA MET A 244 -19.05 11.06 8.49
C MET A 244 -18.04 12.15 8.89
N PRO A 245 -17.74 12.26 10.20
CA PRO A 245 -16.82 13.26 10.75
C PRO A 245 -15.36 13.10 10.32
N ARG A 246 -14.64 14.21 10.29
CA ARG A 246 -13.23 14.19 9.90
C ARG A 246 -12.43 13.23 10.80
N GLU A 247 -12.66 13.30 12.10
CA GLU A 247 -11.95 12.47 13.06
C GLU A 247 -12.42 11.02 13.16
N LEU A 248 -13.14 10.56 12.16
CA LEU A 248 -13.62 9.19 12.14
C LEU A 248 -13.25 8.45 10.85
N SER A 249 -12.65 7.28 11.01
CA SER A 249 -12.29 6.45 9.86
C SER A 249 -13.16 5.21 9.92
N MET A 250 -13.32 4.53 8.79
CA MET A 250 -14.13 3.33 8.76
C MET A 250 -13.90 2.52 7.50
N ARG A 251 -14.05 1.21 7.62
CA ARG A 251 -13.93 0.31 6.50
C ARG A 251 -14.86 -0.83 6.83
N LEU A 252 -15.42 -1.44 5.80
CA LEU A 252 -16.30 -2.56 6.03
C LEU A 252 -15.52 -3.83 5.81
N GLU A 253 -15.57 -4.76 6.77
CA GLU A 253 -14.90 -6.04 6.63
C GLU A 253 -15.98 -6.89 6.00
N ILE A 254 -15.69 -7.46 4.84
CA ILE A 254 -16.69 -8.26 4.16
C ILE A 254 -16.16 -9.63 3.73
N ASN A 255 -16.89 -10.67 4.10
CA ASN A 255 -16.53 -12.02 3.69
C ASN A 255 -17.82 -12.78 3.41
N ALA A 256 -17.71 -14.07 3.16
CA ALA A 256 -18.88 -14.88 2.85
C ALA A 256 -20.02 -14.78 3.86
N ASN A 257 -19.69 -14.73 5.15
CA ASN A 257 -20.74 -14.69 6.16
C ASN A 257 -20.88 -13.47 7.04
N ALA A 258 -20.19 -12.39 6.71
CA ALA A 258 -20.34 -11.21 7.54
C ALA A 258 -20.02 -9.93 6.82
N LEU A 259 -20.42 -8.83 7.46
CA LEU A 259 -20.17 -7.48 6.98
C LEU A 259 -20.07 -6.70 8.28
N ASN A 260 -18.85 -6.30 8.63
CA ASN A 260 -18.60 -5.57 9.87
C ASN A 260 -18.01 -4.18 9.61
N TRP A 261 -18.40 -3.19 10.41
CA TRP A 261 -17.84 -1.86 10.26
C TRP A 261 -16.76 -1.75 11.34
N GLU A 262 -15.62 -1.14 11.02
CA GLU A 262 -14.55 -0.97 12.00
C GLU A 262 -13.70 0.22 11.64
N GLY A 263 -13.05 0.80 12.65
CA GLY A 263 -12.21 1.94 12.41
C GLY A 263 -11.79 2.61 13.70
N ASN A 264 -11.16 3.77 13.57
CA ASN A 264 -10.71 4.53 14.72
C ASN A 264 -11.41 5.88 14.76
N PHE A 265 -11.54 6.43 15.96
CA PHE A 265 -12.15 7.73 16.16
C PHE A 265 -11.20 8.54 17.04
N PHE A 266 -10.79 9.71 16.54
CA PHE A 266 -9.89 10.56 17.31
C PHE A 266 -10.72 11.34 18.33
N GLY A 267 -11.16 10.63 19.36
CA GLY A 267 -11.99 11.24 20.39
C GLY A 267 -12.43 10.18 21.38
N ASN A 268 -13.42 10.50 22.21
CA ASN A 268 -13.91 9.56 23.22
C ASN A 268 -15.08 8.66 22.81
N ALA A 269 -15.21 7.53 23.51
CA ALA A 269 -16.25 6.54 23.25
C ALA A 269 -17.65 7.13 23.25
N LYS A 270 -17.97 7.95 24.26
CA LYS A 270 -19.29 8.55 24.36
C LYS A 270 -19.65 9.35 23.11
N ASP A 271 -18.71 10.15 22.62
CA ASP A 271 -18.99 10.92 21.42
C ASP A 271 -19.13 10.00 20.22
N LEU A 272 -18.31 8.95 20.17
CA LEU A 272 -18.37 8.01 19.07
C LEU A 272 -19.72 7.30 19.01
N LYS A 273 -20.20 6.85 20.16
CA LYS A 273 -21.48 6.15 20.19
C LYS A 273 -22.60 7.04 19.66
N LYS A 274 -22.52 8.33 19.94
CA LYS A 274 -23.54 9.25 19.46
C LYS A 274 -23.50 9.39 17.93
N ILE A 275 -22.35 9.12 17.35
CA ILE A 275 -22.20 9.21 15.90
C ILE A 275 -22.64 7.90 15.23
N LEU A 276 -22.27 6.78 15.84
CA LEU A 276 -22.59 5.46 15.30
C LEU A 276 -24.07 5.09 15.36
N GLN A 277 -24.73 5.46 16.45
CA GLN A 277 -26.14 5.10 16.61
C GLN A 277 -27.07 5.61 15.50
N PRO A 278 -26.98 6.89 15.13
CA PRO A 278 -27.87 7.38 14.08
C PRO A 278 -27.66 6.67 12.74
N ILE A 279 -26.42 6.40 12.37
CA ILE A 279 -26.18 5.72 11.10
C ILE A 279 -26.58 4.25 11.18
N MET A 280 -26.37 3.63 12.34
CA MET A 280 -26.77 2.23 12.49
C MET A 280 -28.27 2.11 12.24
N LYS A 281 -29.02 3.11 12.71
CA LYS A 281 -30.46 3.12 12.53
C LYS A 281 -30.80 3.41 11.08
N LYS A 282 -30.15 4.42 10.50
CA LYS A 282 -30.38 4.78 9.10
C LYS A 282 -30.07 3.61 8.19
N ALA A 283 -29.04 2.84 8.56
CA ALA A 283 -28.64 1.69 7.75
C ALA A 283 -29.62 0.53 7.93
N GLY A 284 -30.70 0.76 8.68
CA GLY A 284 -31.69 -0.28 8.89
C GLY A 284 -31.52 -1.22 10.05
N GLY A 285 -30.87 -0.76 11.12
CA GLY A 285 -30.68 -1.62 12.28
C GLY A 285 -30.06 -2.96 11.89
N LYS A 286 -30.47 -4.02 12.58
CA LYS A 286 -29.95 -5.36 12.32
C LYS A 286 -28.45 -5.39 12.55
N SER A 287 -27.99 -4.64 13.55
CA SER A 287 -26.58 -4.59 13.85
C SER A 287 -26.35 -4.17 15.28
N THR A 288 -25.12 -4.34 15.75
CA THR A 288 -24.78 -3.95 17.10
C THR A 288 -23.29 -3.68 17.22
N ILE A 289 -22.95 -2.85 18.19
CA ILE A 289 -21.55 -2.50 18.45
C ILE A 289 -20.89 -3.67 19.18
N SER A 290 -19.89 -4.26 18.53
CA SER A 290 -19.17 -5.40 19.10
C SER A 290 -17.79 -5.05 19.67
N LYS A 291 -17.33 -3.84 19.40
CA LYS A 291 -16.05 -3.35 19.93
C LYS A 291 -16.17 -1.85 20.12
N LEU A 292 -15.77 -1.38 21.30
CA LEU A 292 -15.82 0.04 21.62
C LEU A 292 -14.88 0.21 22.78
N VAL A 293 -13.65 0.64 22.50
CA VAL A 293 -12.67 0.82 23.53
C VAL A 293 -11.79 2.03 23.33
N GLU A 294 -11.57 2.76 24.42
CA GLU A 294 -10.72 3.93 24.37
C GLU A 294 -9.31 3.45 24.66
N THR A 295 -8.36 3.90 23.85
CA THR A 295 -6.97 3.52 24.04
C THR A 295 -6.11 4.67 23.53
N ASP A 296 -4.82 4.40 23.31
CA ASP A 296 -3.91 5.42 22.82
C ASP A 296 -3.33 4.97 21.49
N TRP A 297 -2.49 5.82 20.89
CA TRP A 297 -1.89 5.51 19.61
C TRP A 297 -1.28 4.11 19.59
N TYR A 298 -0.41 3.85 20.55
CA TYR A 298 0.24 2.54 20.65
C TYR A 298 -0.86 1.48 20.67
N GLY A 299 -1.92 1.79 21.41
CA GLY A 299 -3.04 0.87 21.53
C GLY A 299 -3.76 0.58 20.23
N GLN A 300 -4.07 1.62 19.45
CA GLN A 300 -4.78 1.40 18.19
C GLN A 300 -3.88 0.62 17.24
N ILE A 301 -2.59 0.94 17.25
CA ILE A 301 -1.65 0.22 16.39
C ILE A 301 -1.72 -1.28 16.66
N ASN A 302 -1.66 -1.66 17.93
CA ASN A 302 -1.69 -3.07 18.32
C ASN A 302 -3.07 -3.73 18.19
N THR A 303 -4.01 -3.03 17.59
CA THR A 303 -5.35 -3.58 17.41
C THR A 303 -5.47 -4.18 16.01
N TYR A 304 -4.58 -3.78 15.11
CA TYR A 304 -4.66 -4.28 13.74
C TYR A 304 -3.36 -4.92 13.25
N LEU A 305 -2.77 -5.80 14.07
CA LEU A 305 -1.53 -6.48 13.69
C LEU A 305 -1.84 -7.83 13.07
N TYR A 306 -2.98 -8.40 13.44
CA TYR A 306 -3.41 -9.69 12.93
C TYR A 306 -2.33 -10.77 13.08
N GLY A 307 -1.74 -10.83 14.28
CA GLY A 307 -0.73 -11.82 14.58
C GLY A 307 0.69 -11.49 14.18
N ALA A 308 0.87 -10.39 13.44
CA ALA A 308 2.20 -9.99 12.99
C ALA A 308 3.00 -9.37 14.12
N ASP A 309 4.32 -9.56 14.08
CA ASP A 309 5.18 -8.96 15.10
C ASP A 309 5.17 -7.46 14.84
N LEU A 310 5.21 -6.67 15.91
CA LEU A 310 5.19 -5.23 15.79
C LEU A 310 6.53 -4.59 15.39
N ASN A 311 7.61 -5.05 16.00
CA ASN A 311 8.93 -4.49 15.72
C ASN A 311 9.74 -5.34 14.75
N ILE A 312 9.55 -5.08 13.46
CA ILE A 312 10.26 -5.84 12.42
C ILE A 312 11.28 -5.00 11.66
N THR A 313 12.49 -5.53 11.52
CA THR A 313 13.52 -4.83 10.79
C THR A 313 14.06 -5.69 9.65
N TYR A 314 15.24 -6.30 9.82
CA TYR A 314 15.82 -7.11 8.74
C TYR A 314 15.70 -8.61 8.87
N ASN A 315 15.12 -9.09 9.96
CA ASN A 315 14.93 -10.52 10.15
C ASN A 315 13.45 -10.81 9.87
N TYR A 316 13.11 -10.90 8.59
CA TYR A 316 11.72 -11.15 8.20
C TYR A 316 11.60 -12.29 7.19
N ASP A 317 10.78 -13.27 7.53
CA ASP A 317 10.59 -14.44 6.67
C ASP A 317 9.14 -14.92 6.75
N VAL A 318 8.19 -14.05 6.41
CA VAL A 318 6.79 -14.41 6.45
C VAL A 318 6.26 -14.48 5.02
N HIS A 319 5.33 -15.41 4.78
CA HIS A 319 4.77 -15.59 3.44
C HIS A 319 3.30 -15.94 3.41
N GLU A 320 2.71 -15.77 2.23
CA GLU A 320 1.32 -16.08 1.99
C GLU A 320 1.20 -16.44 0.52
N TYR A 321 0.07 -17.03 0.15
CA TYR A 321 -0.20 -17.41 -1.23
C TYR A 321 -1.58 -16.87 -1.54
N PHE A 322 -1.64 -15.82 -2.34
CA PHE A 322 -2.92 -15.19 -2.63
C PHE A 322 -2.93 -14.36 -3.90
N TYR A 323 -4.13 -13.94 -4.27
CA TYR A 323 -4.34 -13.09 -5.44
C TYR A 323 -5.14 -11.89 -4.94
N ALA A 324 -4.63 -10.68 -5.14
CA ALA A 324 -5.34 -9.49 -4.69
C ALA A 324 -5.82 -8.63 -5.84
N ASN A 325 -6.70 -7.69 -5.52
CA ASN A 325 -7.20 -6.75 -6.51
C ASN A 325 -7.68 -5.53 -5.75
N SER A 326 -7.95 -4.44 -6.46
CA SER A 326 -8.43 -3.23 -5.83
C SER A 326 -9.27 -2.41 -6.78
N LEU A 327 -9.81 -1.31 -6.28
CA LEU A 327 -10.66 -0.46 -7.11
C LEU A 327 -10.96 0.83 -6.38
N THR A 328 -11.05 1.91 -7.15
CA THR A 328 -11.42 3.20 -6.59
C THR A 328 -12.61 3.61 -7.44
N ALA A 329 -13.54 4.34 -6.86
CA ALA A 329 -14.73 4.74 -7.59
C ALA A 329 -15.44 5.87 -6.90
N PRO A 330 -16.33 6.58 -7.64
CA PRO A 330 -17.07 7.69 -7.05
C PRO A 330 -18.34 7.10 -6.42
N ARG A 331 -19.24 7.95 -5.96
CA ARG A 331 -20.50 7.46 -5.39
C ARG A 331 -21.09 6.44 -6.36
N LEU A 332 -21.67 5.37 -5.82
CA LEU A 332 -22.24 4.29 -6.62
C LEU A 332 -23.76 4.34 -6.80
N SER A 333 -24.23 3.80 -7.92
CA SER A 333 -25.66 3.76 -8.21
C SER A 333 -26.18 2.45 -7.64
N ASP A 334 -27.51 2.30 -7.59
CA ASP A 334 -28.11 1.08 -7.05
C ASP A 334 -27.67 -0.17 -7.82
N GLU A 335 -27.42 -0.03 -9.11
CA GLU A 335 -26.99 -1.18 -9.91
C GLU A 335 -25.69 -1.77 -9.39
N ALA A 336 -24.72 -0.90 -9.10
CA ALA A 336 -23.41 -1.32 -8.61
C ALA A 336 -23.51 -2.02 -7.26
N ILE A 337 -24.18 -1.38 -6.31
CA ILE A 337 -24.32 -1.96 -4.98
C ILE A 337 -25.11 -3.26 -5.04
N GLN A 338 -26.17 -3.26 -5.85
CA GLN A 338 -27.01 -4.43 -6.00
C GLN A 338 -26.23 -5.59 -6.59
N ALA A 339 -25.39 -5.29 -7.58
CA ALA A 339 -24.58 -6.31 -8.24
C ALA A 339 -23.48 -6.83 -7.29
N PHE A 340 -22.87 -5.91 -6.55
CA PHE A 340 -21.83 -6.28 -5.60
C PHE A 340 -22.40 -7.29 -4.60
N VAL A 341 -23.55 -6.93 -4.03
CA VAL A 341 -24.20 -7.80 -3.05
C VAL A 341 -24.56 -9.15 -3.64
N ASP A 342 -25.20 -9.15 -4.81
CA ASP A 342 -25.57 -10.42 -5.44
C ASP A 342 -24.35 -11.30 -5.65
N TYR A 343 -23.22 -10.69 -5.99
CA TYR A 343 -22.01 -11.46 -6.22
C TYR A 343 -21.58 -12.18 -4.93
N LYS A 344 -21.61 -11.46 -3.80
CA LYS A 344 -21.23 -12.07 -2.53
C LYS A 344 -22.17 -13.22 -2.20
N PHE A 345 -23.46 -12.99 -2.40
CA PHE A 345 -24.46 -14.01 -2.09
C PHE A 345 -24.54 -15.18 -3.07
N ASP A 346 -24.25 -14.93 -4.35
CA ASP A 346 -24.36 -16.01 -5.32
C ASP A 346 -23.09 -16.52 -5.98
N ASN A 347 -21.99 -15.80 -5.85
CA ASN A 347 -20.77 -16.22 -6.52
C ASN A 347 -19.50 -16.22 -5.67
N SER A 348 -19.61 -16.44 -4.36
CA SER A 348 -18.40 -16.41 -3.55
C SER A 348 -18.05 -17.73 -2.86
N SER A 349 -18.54 -18.84 -3.41
CA SER A 349 -18.25 -20.15 -2.83
C SER A 349 -16.85 -20.59 -3.19
N VAL A 350 -16.07 -20.96 -2.19
CA VAL A 350 -14.71 -21.44 -2.43
C VAL A 350 -14.49 -22.74 -1.68
N ARG A 351 -13.57 -23.55 -2.19
CA ARG A 351 -13.26 -24.83 -1.57
C ARG A 351 -12.62 -24.61 -0.22
N PRO A 352 -12.72 -25.61 0.67
CA PRO A 352 -12.09 -25.43 1.99
C PRO A 352 -10.59 -25.27 1.71
N GLY A 353 -9.90 -24.49 2.52
CA GLY A 353 -8.49 -24.29 2.28
C GLY A 353 -8.30 -22.97 1.55
N ARG A 354 -9.41 -22.47 0.99
CA ARG A 354 -9.42 -21.20 0.27
C ARG A 354 -10.33 -20.24 1.04
N GLY A 355 -9.97 -18.96 1.02
CA GLY A 355 -10.78 -18.00 1.73
C GLY A 355 -10.64 -16.61 1.14
N TRP A 356 -11.62 -15.76 1.39
CA TRP A 356 -11.58 -14.42 0.86
C TRP A 356 -12.22 -13.38 1.77
N TRP A 357 -11.91 -12.12 1.47
CA TRP A 357 -12.47 -11.00 2.20
C TRP A 357 -12.28 -9.75 1.37
N ILE A 358 -13.10 -8.74 1.64
CA ILE A 358 -13.02 -7.48 0.94
C ILE A 358 -13.08 -6.37 1.96
N GLN A 359 -12.27 -5.34 1.75
CA GLN A 359 -12.27 -4.20 2.64
C GLN A 359 -12.85 -3.04 1.84
N TRP A 360 -14.00 -2.53 2.33
CA TRP A 360 -14.71 -1.42 1.71
C TRP A 360 -14.27 -0.18 2.51
N ASP A 361 -13.35 0.59 1.93
CA ASP A 361 -12.78 1.75 2.59
C ASP A 361 -13.42 3.12 2.33
N PHE A 362 -13.78 3.79 3.42
CA PHE A 362 -14.37 5.12 3.34
C PHE A 362 -13.22 6.08 3.05
N HIS A 363 -12.81 6.04 1.80
CA HIS A 363 -11.68 6.75 1.21
C HIS A 363 -11.80 8.27 1.04
N GLY A 364 -12.75 8.71 0.23
CA GLY A 364 -12.92 10.14 0.00
C GLY A 364 -14.13 10.73 0.70
N GLY A 365 -14.70 11.77 0.09
CA GLY A 365 -15.86 12.41 0.70
C GLY A 365 -15.53 13.81 1.20
N LYS A 366 -16.56 14.60 1.43
CA LYS A 366 -16.44 15.97 1.90
C LYS A 366 -15.55 16.17 3.13
N ASN A 367 -15.74 15.32 4.13
CA ASN A 367 -14.99 15.45 5.37
C ASN A 367 -13.67 14.68 5.45
N SER A 368 -13.32 14.00 4.37
CA SER A 368 -12.09 13.23 4.35
C SER A 368 -10.88 14.13 4.07
N ALA A 369 -9.89 14.09 4.96
CA ALA A 369 -8.69 14.88 4.77
C ALA A 369 -8.02 14.50 3.45
N LEU A 370 -8.11 13.23 3.09
CA LEU A 370 -7.49 12.75 1.85
C LEU A 370 -8.00 13.60 0.70
N ALA A 371 -9.32 13.79 0.67
CA ALA A 371 -9.96 14.56 -0.40
C ALA A 371 -9.74 16.07 -0.30
N ALA A 372 -9.03 16.51 0.73
CA ALA A 372 -8.75 17.93 0.89
C ALA A 372 -7.60 18.34 -0.03
N VAL A 373 -7.00 17.35 -0.66
CA VAL A 373 -5.88 17.56 -1.59
C VAL A 373 -6.38 17.24 -3.00
N SER A 374 -6.05 18.08 -3.96
CA SER A 374 -6.50 17.83 -5.32
C SER A 374 -5.60 16.84 -6.05
N ASN A 375 -6.12 16.26 -7.13
CA ASN A 375 -5.35 15.31 -7.92
C ASN A 375 -4.12 15.96 -8.52
N ASP A 376 -4.09 17.29 -8.59
CA ASP A 376 -2.94 17.98 -9.15
C ASP A 376 -1.82 18.21 -8.14
N GLU A 377 -2.16 18.19 -6.85
CA GLU A 377 -1.16 18.46 -5.81
C GLU A 377 -0.08 17.40 -5.60
N THR A 378 -0.40 16.14 -5.85
CA THR A 378 0.58 15.06 -5.73
C THR A 378 0.27 14.09 -6.85
N ALA A 379 1.14 13.11 -7.05
CA ALA A 379 0.91 12.12 -8.10
C ALA A 379 -0.29 11.23 -7.80
N TYR A 380 -0.73 11.20 -6.54
CA TYR A 380 -1.89 10.38 -6.18
C TYR A 380 -3.06 10.91 -7.02
N ALA A 381 -3.71 10.02 -7.77
CA ALA A 381 -4.78 10.43 -8.65
C ALA A 381 -6.19 9.98 -8.31
N HIS A 382 -6.46 9.69 -7.04
CA HIS A 382 -7.80 9.23 -6.68
C HIS A 382 -8.47 10.14 -5.64
N ARG A 383 -8.00 11.37 -5.55
CA ARG A 383 -8.54 12.33 -4.58
C ARG A 383 -10.02 12.61 -4.83
N ASP A 384 -10.49 12.32 -6.05
CA ASP A 384 -11.87 12.54 -6.44
C ASP A 384 -12.75 11.31 -6.23
N GLN A 385 -12.16 10.22 -5.76
CA GLN A 385 -12.91 8.98 -5.55
C GLN A 385 -13.36 8.82 -4.10
N LEU A 386 -14.63 8.50 -3.94
CA LEU A 386 -15.19 8.32 -2.59
C LEU A 386 -14.80 6.96 -1.99
N TRP A 387 -14.75 5.94 -2.83
CA TRP A 387 -14.45 4.60 -2.37
C TRP A 387 -13.14 3.97 -2.84
N LEU A 388 -12.60 3.11 -1.98
CA LEU A 388 -11.40 2.34 -2.23
C LEU A 388 -11.76 0.94 -1.76
N TRP A 389 -11.34 -0.07 -2.52
CA TRP A 389 -11.63 -1.46 -2.16
C TRP A 389 -10.39 -2.33 -2.26
N GLN A 390 -10.34 -3.33 -1.41
CA GLN A 390 -9.27 -4.30 -1.47
C GLN A 390 -9.99 -5.63 -1.57
N PHE A 391 -9.56 -6.46 -2.51
CA PHE A 391 -10.13 -7.79 -2.71
C PHE A 391 -8.99 -8.75 -2.42
N TYR A 392 -9.23 -9.71 -1.54
CA TYR A 392 -8.16 -10.64 -1.18
C TYR A 392 -8.65 -12.07 -1.31
N ASP A 393 -8.01 -12.81 -2.20
CA ASP A 393 -8.36 -14.21 -2.45
C ASP A 393 -7.15 -15.02 -1.99
N SER A 394 -7.31 -15.82 -0.94
CA SER A 394 -6.17 -16.57 -0.48
C SER A 394 -6.27 -18.08 -0.35
N ILE A 395 -5.12 -18.72 -0.50
CA ILE A 395 -4.96 -20.16 -0.39
C ILE A 395 -4.20 -20.41 0.89
N TYR A 396 -4.91 -20.86 1.93
CA TYR A 396 -4.28 -21.12 3.22
C TYR A 396 -3.39 -22.35 3.20
N ASP A 397 -3.85 -23.41 2.55
CA ASP A 397 -3.08 -24.65 2.48
C ASP A 397 -2.28 -24.77 1.18
N TYR A 398 -1.62 -23.68 0.80
CA TYR A 398 -0.84 -23.65 -0.43
C TYR A 398 0.30 -24.66 -0.48
N GLU A 399 0.87 -24.99 0.68
CA GLU A 399 1.97 -25.96 0.72
C GLU A 399 1.50 -27.33 0.24
N ASN A 400 0.21 -27.61 0.40
CA ASN A 400 -0.34 -28.89 -0.02
C ASN A 400 -1.06 -28.76 -1.35
N ASN A 401 -1.83 -27.69 -1.52
CA ASN A 401 -2.58 -27.48 -2.75
C ASN A 401 -2.84 -26.00 -3.02
N THR A 402 -2.55 -25.56 -4.24
CA THR A 402 -2.75 -24.16 -4.62
C THR A 402 -3.92 -23.96 -5.56
N SER A 403 -4.47 -25.06 -6.09
CA SER A 403 -5.60 -24.99 -7.01
C SER A 403 -6.68 -24.04 -6.48
N PRO A 404 -7.37 -23.33 -7.39
CA PRO A 404 -7.22 -23.36 -8.84
C PRO A 404 -5.97 -22.69 -9.39
N TYR A 405 -5.20 -22.03 -8.54
CA TYR A 405 -3.98 -21.37 -9.00
C TYR A 405 -2.87 -22.39 -9.22
N PRO A 406 -1.86 -22.04 -10.03
CA PRO A 406 -1.66 -20.78 -10.76
C PRO A 406 -2.46 -20.62 -12.04
N GLU A 407 -2.93 -21.73 -12.60
CA GLU A 407 -3.70 -21.72 -13.84
C GLU A 407 -4.83 -20.71 -13.88
N SER A 408 -5.74 -20.81 -12.91
CA SER A 408 -6.89 -19.90 -12.85
C SER A 408 -7.29 -19.56 -11.42
N GLY A 409 -8.45 -18.91 -11.31
CA GLY A 409 -8.96 -18.52 -10.00
C GLY A 409 -9.20 -17.02 -9.98
N PHE A 410 -8.45 -16.31 -10.79
CA PHE A 410 -8.54 -14.86 -10.89
C PHE A 410 -9.95 -14.38 -11.20
N GLU A 411 -10.69 -15.17 -11.97
CA GLU A 411 -12.04 -14.80 -12.36
C GLU A 411 -12.93 -14.45 -11.17
N PHE A 412 -12.76 -15.17 -10.07
CA PHE A 412 -13.55 -14.90 -8.88
C PHE A 412 -13.50 -13.41 -8.52
N MET A 413 -12.34 -12.94 -8.07
CA MET A 413 -12.21 -11.54 -7.69
C MET A 413 -12.34 -10.54 -8.82
N GLN A 414 -12.00 -10.93 -10.05
CA GLN A 414 -12.12 -10.03 -11.19
C GLN A 414 -13.60 -9.77 -11.44
N GLY A 415 -14.42 -10.81 -11.29
CA GLY A 415 -15.85 -10.64 -11.48
C GLY A 415 -16.40 -9.82 -10.34
N PHE A 416 -15.80 -9.95 -9.17
CA PHE A 416 -16.26 -9.21 -7.99
C PHE A 416 -16.04 -7.72 -8.24
N VAL A 417 -14.87 -7.38 -8.76
CA VAL A 417 -14.53 -6.01 -9.06
C VAL A 417 -15.46 -5.48 -10.15
N ALA A 418 -15.68 -6.30 -11.17
CA ALA A 418 -16.52 -5.93 -12.31
C ALA A 418 -17.94 -5.51 -11.93
N THR A 419 -18.49 -6.07 -10.85
CA THR A 419 -19.85 -5.73 -10.44
C THR A 419 -19.99 -4.23 -10.25
N ILE A 420 -18.93 -3.60 -9.75
CA ILE A 420 -18.94 -2.16 -9.51
C ILE A 420 -18.28 -1.39 -10.65
N GLU A 421 -17.13 -1.88 -11.10
CA GLU A 421 -16.38 -1.21 -12.14
C GLU A 421 -17.13 -1.05 -13.46
N ASP A 422 -17.89 -2.07 -13.87
CA ASP A 422 -18.62 -2.01 -15.13
C ASP A 422 -19.65 -0.89 -15.20
N THR A 423 -20.07 -0.38 -14.06
CA THR A 423 -21.06 0.68 -14.03
C THR A 423 -20.46 2.08 -14.05
N LEU A 424 -19.13 2.16 -14.07
CA LEU A 424 -18.46 3.46 -14.04
C LEU A 424 -18.00 4.00 -15.39
N PRO A 425 -17.93 5.33 -15.54
CA PRO A 425 -17.49 5.94 -16.78
C PRO A 425 -15.99 5.59 -16.88
N GLU A 426 -15.52 5.29 -18.08
CA GLU A 426 -14.13 4.92 -18.28
C GLU A 426 -13.11 5.71 -17.46
N ASP A 427 -13.20 7.03 -17.51
CA ASP A 427 -12.26 7.88 -16.78
C ASP A 427 -12.32 7.76 -15.27
N ARG A 428 -13.41 7.21 -14.74
CA ARG A 428 -13.51 7.08 -13.29
C ARG A 428 -13.07 5.72 -12.76
N LYS A 429 -12.79 4.79 -13.67
CA LYS A 429 -12.32 3.46 -13.27
C LYS A 429 -10.88 3.57 -12.76
N GLY A 430 -10.61 3.06 -11.57
CA GLY A 430 -9.27 3.13 -11.05
C GLY A 430 -8.89 1.98 -10.14
N LYS A 431 -7.61 1.96 -9.76
CA LYS A 431 -7.06 0.96 -8.85
C LYS A 431 -5.99 1.64 -8.03
N TYR A 432 -5.69 1.04 -6.88
CA TYR A 432 -4.70 1.54 -5.95
C TYR A 432 -3.44 0.68 -6.11
N PHE A 433 -2.35 1.30 -6.56
CA PHE A 433 -1.10 0.58 -6.78
C PHE A 433 -0.62 -0.25 -5.59
N ASN A 434 -0.84 0.24 -4.38
CA ASN A 434 -0.41 -0.51 -3.20
C ASN A 434 -1.20 -1.83 -3.02
N TYR A 435 -2.33 -1.96 -3.73
CA TYR A 435 -3.13 -3.20 -3.68
C TYR A 435 -3.12 -3.69 -5.13
N ALA A 436 -1.93 -3.98 -5.63
CA ALA A 436 -1.76 -4.39 -7.03
C ALA A 436 -2.45 -5.64 -7.55
N ASP A 437 -2.97 -5.51 -8.75
CA ASP A 437 -3.64 -6.61 -9.46
C ASP A 437 -2.60 -7.06 -10.50
N THR A 438 -2.08 -8.26 -10.31
CA THR A 438 -1.04 -8.80 -11.17
C THR A 438 -1.50 -9.29 -12.56
N THR A 439 -2.80 -9.31 -12.81
CA THR A 439 -3.31 -9.77 -14.10
C THR A 439 -3.31 -8.66 -15.15
N LEU A 440 -3.09 -7.42 -14.71
CA LEU A 440 -3.10 -6.28 -15.62
C LEU A 440 -1.89 -6.18 -16.53
N THR A 441 -2.09 -5.55 -17.69
CA THR A 441 -0.99 -5.34 -18.62
C THR A 441 -0.41 -4.00 -18.20
N LYS A 442 0.83 -3.73 -18.58
CA LYS A 442 1.45 -2.47 -18.21
C LYS A 442 0.61 -1.28 -18.65
N GLU A 443 -0.05 -1.39 -19.80
CA GLU A 443 -0.89 -0.31 -20.30
C GLU A 443 -2.18 -0.14 -19.51
N GLU A 444 -2.79 -1.26 -19.11
CA GLU A 444 -4.02 -1.21 -18.32
C GLU A 444 -3.70 -0.66 -16.94
N ALA A 445 -2.64 -1.19 -16.34
CA ALA A 445 -2.22 -0.78 -15.00
C ALA A 445 -1.95 0.72 -14.89
N GLN A 446 -1.16 1.25 -15.82
CA GLN A 446 -0.81 2.67 -15.79
C GLN A 446 -2.03 3.58 -15.77
N LYS A 447 -2.99 3.29 -16.64
CA LYS A 447 -4.20 4.11 -16.68
C LYS A 447 -5.06 3.94 -15.42
N LEU A 448 -5.17 2.74 -14.88
CA LEU A 448 -5.97 2.51 -13.69
C LEU A 448 -5.31 3.04 -12.39
N TYR A 449 -4.00 2.86 -12.24
CA TYR A 449 -3.32 3.32 -11.03
C TYR A 449 -3.06 4.81 -10.98
N TRP A 450 -2.87 5.43 -12.14
CA TRP A 450 -2.57 6.85 -12.14
C TRP A 450 -3.53 7.75 -12.93
N ARG A 451 -4.57 7.14 -13.49
CA ARG A 451 -5.61 7.84 -14.22
C ARG A 451 -5.22 9.18 -14.85
N GLY A 452 -5.72 10.27 -14.27
CA GLY A 452 -5.44 11.59 -14.81
C GLY A 452 -4.02 12.10 -14.71
N ASN A 453 -3.22 11.53 -13.82
CA ASN A 453 -1.82 11.97 -13.67
C ASN A 453 -0.82 11.17 -14.49
N LEU A 454 -1.28 10.13 -15.17
CA LEU A 454 -0.39 9.27 -15.96
C LEU A 454 0.56 10.02 -16.91
N GLU A 455 0.01 10.79 -17.84
CA GLU A 455 0.85 11.53 -18.79
C GLU A 455 1.95 12.38 -18.15
N LYS A 456 1.64 13.09 -17.06
CA LYS A 456 2.65 13.91 -16.42
C LYS A 456 3.74 13.04 -15.78
N LEU A 457 3.32 11.91 -15.20
CA LEU A 457 4.26 10.99 -14.57
C LEU A 457 5.22 10.42 -15.61
N GLN A 458 4.68 10.14 -16.80
CA GLN A 458 5.49 9.58 -17.87
C GLN A 458 6.55 10.57 -18.34
N ALA A 459 6.20 11.85 -18.35
CA ALA A 459 7.14 12.88 -18.76
C ALA A 459 8.22 13.03 -17.71
N ILE A 460 7.84 12.92 -16.44
CA ILE A 460 8.81 13.03 -15.36
C ILE A 460 9.72 11.81 -15.38
N LYS A 461 9.13 10.64 -15.63
CA LYS A 461 9.89 9.40 -15.72
C LYS A 461 10.90 9.50 -16.86
N ALA A 462 10.47 10.08 -17.97
CA ALA A 462 11.35 10.26 -19.13
C ALA A 462 12.53 11.13 -18.75
N LYS A 463 12.31 12.12 -17.89
CA LYS A 463 13.39 13.01 -17.48
C LYS A 463 14.38 12.39 -16.48
N TYR A 464 13.86 11.62 -15.54
CA TYR A 464 14.72 11.04 -14.51
C TYR A 464 15.23 9.62 -14.71
N ASP A 465 14.54 8.83 -15.54
CA ASP A 465 14.97 7.46 -15.81
C ASP A 465 14.55 7.13 -17.25
N PRO A 466 15.15 7.82 -18.23
CA PRO A 466 14.87 7.64 -19.66
C PRO A 466 15.13 6.24 -20.18
N GLU A 467 16.08 5.53 -19.58
CA GLU A 467 16.39 4.18 -20.01
C GLU A 467 15.69 3.14 -19.16
N ASP A 468 14.66 3.58 -18.42
CA ASP A 468 13.86 2.72 -17.55
C ASP A 468 14.67 1.67 -16.78
N VAL A 469 15.74 2.11 -16.13
CA VAL A 469 16.59 1.23 -15.35
C VAL A 469 15.87 0.69 -14.12
N PHE A 470 14.99 1.52 -13.53
CA PHE A 470 14.26 1.11 -12.33
C PHE A 470 12.86 0.56 -12.57
N GLY A 471 12.50 0.37 -13.84
CA GLY A 471 11.16 -0.12 -14.13
C GLY A 471 10.82 -1.54 -13.72
N ASN A 472 9.54 -1.77 -13.45
CA ASN A 472 9.05 -3.10 -13.12
C ASN A 472 8.03 -3.40 -14.20
N VAL A 473 7.31 -4.51 -14.11
CA VAL A 473 6.38 -4.87 -15.17
C VAL A 473 5.12 -4.03 -15.41
N VAL A 474 4.76 -3.15 -14.48
CA VAL A 474 3.55 -2.32 -14.65
C VAL A 474 3.77 -0.84 -14.37
N SER A 475 5.01 -0.46 -14.08
CA SER A 475 5.33 0.93 -13.75
C SER A 475 5.30 1.95 -14.89
N VAL A 476 5.17 3.21 -14.50
CA VAL A 476 5.14 4.32 -15.44
C VAL A 476 6.34 4.22 -16.38
N GLU A 477 6.11 4.42 -17.66
CA GLU A 477 7.15 4.33 -18.68
C GLU A 477 7.74 5.69 -19.07
N PRO A 478 8.97 5.70 -19.59
CA PRO A 478 9.59 6.96 -19.99
C PRO A 478 9.01 7.48 -21.32
N ILE A 479 8.00 8.33 -21.23
CA ILE A 479 7.37 8.91 -22.40
C ILE A 479 7.28 10.42 -22.23
N ALA A 480 8.02 11.12 -23.07
CA ALA A 480 8.04 12.58 -23.06
C ALA A 480 6.82 13.11 -23.81
N TYR A 481 6.36 14.30 -23.42
CA TYR A 481 5.20 14.90 -24.05
C TYR A 481 5.53 15.38 -25.46
C1 NAG B . 13.14 -3.05 17.79
C2 NAG B . 13.34 -2.57 19.23
C3 NAG B . 14.59 -1.70 19.33
C4 NAG B . 15.80 -2.47 18.77
C5 NAG B . 15.50 -2.95 17.35
C6 NAG B . 16.62 -3.79 16.77
C7 NAG B . 11.59 -2.06 20.82
C8 NAG B . 11.17 -3.50 21.12
N2 NAG B . 12.17 -1.82 19.64
O3 NAG B . 14.82 -1.36 20.68
O4 NAG B . 16.95 -1.63 18.76
O5 NAG B . 14.31 -3.77 17.35
O6 NAG B . 16.41 -5.17 17.03
O7 NAG B . 11.37 -1.18 21.65
C1 NAG C . -23.10 -15.92 -10.45
C2 NAG C . -22.70 -16.07 -11.93
C3 NAG C . -23.95 -16.19 -12.83
C4 NAG C . -24.94 -17.21 -12.28
C5 NAG C . -25.22 -16.95 -10.80
C6 NAG C . -26.13 -18.02 -10.21
C7 NAG C . -20.68 -15.10 -12.81
C8 NAG C . -20.32 -14.32 -14.06
N2 NAG C . -21.90 -14.93 -12.32
O3 NAG C . -23.55 -16.57 -14.13
O4 NAG C . -26.16 -17.14 -13.03
O5 NAG C . -23.99 -16.96 -10.06
O6 NAG C . -26.06 -18.02 -8.79
O7 NAG C . -19.85 -15.85 -12.29
ZN ZN D . 18.92 -17.19 -10.09
ZN ZN E . 30.36 -19.12 -3.19
ZN ZN F . -16.13 16.13 14.88
ZN ZN G . -24.97 -1.35 -16.12
PA FAD H . 8.18 -3.76 -1.80
O1A FAD H . 7.48 -4.89 -2.45
O2A FAD H . 9.49 -3.98 -1.12
O5B FAD H . 8.30 -2.56 -2.83
C5B FAD H . 7.16 -1.84 -3.27
C4B FAD H . 7.41 -0.97 -4.50
O4B FAD H . 7.92 0.37 -4.40
C3B FAD H . 8.29 -1.42 -5.67
O3B FAD H . 7.99 -0.76 -6.88
C2B FAD H . 9.66 -1.06 -5.03
O2B FAD H . 10.81 -1.05 -5.86
C1B FAD H . 9.35 0.30 -4.37
N9A FAD H . 10.04 0.68 -3.14
C8A FAD H . 9.98 0.22 -1.86
N7A FAD H . 10.82 0.85 -1.05
C5A FAD H . 11.47 1.78 -1.86
C6A FAD H . 12.50 2.78 -1.62
N6A FAD H . 13.06 2.98 -0.43
N1A FAD H . 12.92 3.54 -2.69
C2A FAD H . 12.36 3.33 -3.90
N3A FAD H . 11.40 2.44 -4.24
C4A FAD H . 11.00 1.68 -3.13
N1 FAD H . -1.05 -0.67 2.00
C2 FAD H . -1.78 0.37 2.48
O2 FAD H . -1.94 1.45 1.85
N3 FAD H . -2.38 0.26 3.76
C4 FAD H . -2.27 -0.87 4.59
O4 FAD H . -2.83 -0.86 5.72
C4X FAD H . -1.51 -1.95 4.07
N5 FAD H . -1.32 -3.11 4.85
C5X FAD H . -0.54 -4.15 4.32
C6 FAD H . -0.31 -5.30 5.12
C7 FAD H . 0.42 -6.38 4.67
C7M FAD H . 0.59 -7.58 5.61
C8 FAD H . 0.97 -6.36 3.37
C8M FAD H . 1.80 -7.53 2.83
C9 FAD H . 0.77 -5.20 2.54
C9A FAD H . 0.03 -4.09 2.98
N10 FAD H . -0.18 -2.86 2.18
C10 FAD H . -0.93 -1.83 2.76
C1' FAD H . 0.02 -2.80 0.72
C2' FAD H . 1.45 -2.68 0.14
O2' FAD H . 2.16 -3.85 0.50
C3' FAD H . 2.11 -1.39 0.67
O3' FAD H . 1.25 -0.27 0.53
C4' FAD H . 3.50 -1.09 0.01
O4' FAD H . 3.37 -1.03 -1.39
C5' FAD H . 4.56 -2.13 0.43
O5' FAD H . 5.84 -1.50 0.63
P FAD H . 7.14 -2.40 0.69
O1P FAD H . 8.28 -1.49 0.87
O2P FAD H . 6.93 -3.47 1.70
O3P FAD H . 7.16 -3.08 -0.76
C1A ABL I . -4.41 -4.34 4.36
O1A ABL I . -4.29 -3.31 3.67
C2A ABL I . -5.31 -4.36 5.60
O2A ABL I . -5.02 -3.15 6.31
C3A ABL I . -5.10 -5.55 6.55
O3A ABL I . -6.28 -5.63 7.37
C4A ABL I . -4.92 -6.84 5.78
O1 ABL I . -4.68 -7.98 6.64
C5A ABL I . -3.62 -6.64 4.93
N5 ABL I . -3.76 -5.48 4.01
C6A ABL I . -3.35 -7.89 4.05
O6A ABL I . -2.19 -7.71 3.24
C1 ABL I . -5.64 -9.07 6.76
C2 ABL I . -5.02 -10.21 7.60
O2 ABL I . -3.82 -10.70 6.99
C3 ABL I . -6.04 -11.34 7.75
O3 ABL I . -5.51 -12.39 8.53
C4 ABL I . -7.31 -10.72 8.40
O4 ABL I . -8.31 -11.72 8.59
C5 ABL I . -7.87 -9.58 7.55
O5 ABL I . -6.82 -8.61 7.37
C6 ABL I . -9.09 -8.93 8.18
O6 ABL I . -9.65 -7.89 7.42
#